data_7ZWK
#
_entry.id   7ZWK
#
_cell.length_a   42.268
_cell.length_b   42.268
_cell.length_c   216.244
_cell.angle_alpha   90.000
_cell.angle_beta   90.000
_cell.angle_gamma   90.000
#
_symmetry.space_group_name_H-M   'P 43 2 2'
#
loop_
_entity.id
_entity.type
_entity.pdbx_description
1 polymer 'Serine protease subunit NS2B'
2 polymer 'Serine protease NS3'
3 polymer '(1R,2R,3S,4R,6S)-4,6-diamino-2,3-dihydroxycyclohexyl 2,6-diamino-2,6-dideoxy-alpha-D-glucopyranoside'
4 non-polymer 'SULFATE ION'
5 water water
#
loop_
_entity_poly.entity_id
_entity_poly.type
_entity_poly.pdbx_seq_one_letter_code
_entity_poly.pdbx_strand_id
1 'polypeptide(L)' MTGKSVDMYIERAGDITWEKDAEVTGNSPRLDVALDESGDFSLVEEDGPPMRE A
2 'polypeptide(L)'
;GSGALWDVPAPKEVKKGETTDGVYRVMTRRLLGSTQVGVGVMQEGVFHTMWHVTKGAALRSGEGRLDPYWGDVKQDLVSY
CGPWKLDAAWDGLSEVQLLAVPPGERAKNIQTLPGIFKTKDGDIGAVALDYPAGTSGSPILDKCGRVIGLYGNGVVIKNG
SYVSAITQGKREEETPVE
;
B
3 'polypeptide(L)' (V7T)GGG(DPN)KK C
#
loop_
_chem_comp.id
_chem_comp.type
_chem_comp.name
_chem_comp.formula
SO4 non-polymer 'SULFATE ION' 'O4 S -2'
V7T peptide-like '(2R)-6-azanyl-2-carbamimidamido-hexanoic acid' 'C7 H16 N4 O2'
#
# COMPACT_ATOMS: atom_id res chain seq x y z
N ASP A 7 -7.32 9.40 -17.32
CA ASP A 7 -5.96 9.00 -17.64
C ASP A 7 -5.00 9.35 -16.49
N MET A 8 -4.29 8.35 -15.99
CA MET A 8 -3.48 8.47 -14.77
C MET A 8 -1.99 8.61 -15.09
N TYR A 9 -1.29 9.29 -14.19
CA TYR A 9 0.14 9.51 -14.35
C TYR A 9 0.80 9.48 -12.99
N ILE A 10 2.13 9.30 -12.98
CA ILE A 10 2.85 9.12 -11.73
C ILE A 10 3.89 10.23 -11.56
N GLU A 11 4.16 10.56 -10.30
CA GLU A 11 5.09 11.60 -9.91
C GLU A 11 5.90 11.10 -8.73
N ARG A 12 7.23 11.20 -8.81
CA ARG A 12 8.08 10.70 -7.73
C ARG A 12 7.84 11.49 -6.45
N ALA A 13 7.81 10.76 -5.32
CA ALA A 13 7.60 11.41 -4.02
C ALA A 13 8.72 11.17 -3.01
N GLY A 14 9.68 10.31 -3.30
CA GLY A 14 10.80 10.15 -2.39
C GLY A 14 11.54 8.85 -2.62
N ASP A 15 12.62 8.70 -1.85
CA ASP A 15 13.35 7.46 -1.72
C ASP A 15 12.59 6.52 -0.78
N ILE A 16 12.83 5.23 -0.94
CA ILE A 16 12.30 4.23 -0.03
C ILE A 16 13.40 3.92 0.97
N THR A 17 13.31 4.52 2.16
CA THR A 17 14.39 4.55 3.13
C THR A 17 13.83 4.55 4.55
N TRP A 18 14.42 3.73 5.42
CA TRP A 18 14.12 3.79 6.85
C TRP A 18 14.57 5.14 7.42
N GLU A 19 13.72 5.74 8.25
CA GLU A 19 13.98 7.04 8.88
C GLU A 19 14.31 6.83 10.36
N LYS A 20 15.49 7.27 10.78
CA LYS A 20 15.96 6.97 12.13
C LYS A 20 15.08 7.61 13.19
N ASP A 21 14.62 8.85 12.96
CA ASP A 21 13.90 9.59 13.99
C ASP A 21 12.39 9.59 13.78
N ALA A 22 11.86 8.59 13.06
CA ALA A 22 10.44 8.55 12.77
C ALA A 22 9.61 8.53 14.06
N GLU A 23 8.45 9.18 13.99
CA GLU A 23 7.46 9.03 15.04
C GLU A 23 7.01 7.58 15.13
N VAL A 24 6.80 7.10 16.35
CA VAL A 24 6.32 5.73 16.61
C VAL A 24 4.90 5.82 17.15
N THR A 25 3.94 5.22 16.44
CA THR A 25 2.55 5.26 16.90
C THR A 25 1.79 4.09 16.28
N GLY A 26 0.54 3.91 16.74
CA GLY A 26 -0.29 2.84 16.24
C GLY A 26 -0.27 1.58 17.08
N ASN A 27 -1.41 0.88 17.16
CA ASN A 27 -1.58 -0.33 17.96
C ASN A 27 -1.24 -1.55 17.13
N SER A 28 -1.32 -2.74 17.74
N SER A 28 -1.32 -2.73 17.74
CA SER A 28 -0.99 -4.00 17.06
CA SER A 28 -0.99 -3.99 17.07
C SER A 28 -2.10 -5.03 17.27
C SER A 28 -2.10 -5.03 17.27
N PRO A 29 -3.31 -4.73 16.80
CA PRO A 29 -4.44 -5.63 17.07
C PRO A 29 -4.30 -6.96 16.35
N ARG A 30 -4.79 -8.01 16.99
CA ARG A 30 -4.87 -9.35 16.40
C ARG A 30 -6.34 -9.64 16.10
N LEU A 31 -6.65 -9.86 14.82
CA LEU A 31 -8.02 -9.84 14.32
C LEU A 31 -8.26 -11.06 13.43
N ASP A 32 -9.38 -11.75 13.67
CA ASP A 32 -9.81 -12.81 12.77
C ASP A 32 -10.57 -12.18 11.61
N VAL A 33 -10.05 -12.34 10.40
CA VAL A 33 -10.65 -11.72 9.23
C VAL A 33 -10.87 -12.77 8.15
N ALA A 34 -11.71 -12.41 7.18
CA ALA A 34 -11.94 -13.21 5.99
C ALA A 34 -11.73 -12.35 4.77
N LEU A 35 -11.22 -12.96 3.70
CA LEU A 35 -10.92 -12.29 2.44
C LEU A 35 -11.82 -12.90 1.37
N ASP A 36 -12.65 -12.07 0.74
CA ASP A 36 -13.58 -12.62 -0.25
C ASP A 36 -13.01 -12.48 -1.66
N GLU A 37 -13.71 -13.11 -2.60
CA GLU A 37 -13.22 -13.13 -3.98
C GLU A 37 -13.07 -11.73 -4.57
N SER A 38 -13.79 -10.75 -4.03
CA SER A 38 -13.69 -9.38 -4.51
C SER A 38 -12.49 -8.62 -3.95
N GLY A 39 -11.65 -9.25 -3.12
CA GLY A 39 -10.53 -8.52 -2.55
C GLY A 39 -10.86 -7.70 -1.31
N ASP A 40 -11.99 -7.95 -0.67
CA ASP A 40 -12.41 -7.20 0.51
C ASP A 40 -12.20 -8.04 1.76
N PHE A 41 -11.50 -7.47 2.74
CA PHE A 41 -11.40 -8.07 4.06
C PHE A 41 -12.64 -7.74 4.91
N SER A 42 -13.06 -8.70 5.73
N SER A 42 -13.03 -8.69 5.75
CA SER A 42 -14.14 -8.47 6.70
CA SER A 42 -14.12 -8.47 6.70
C SER A 42 -13.77 -9.17 8.01
C SER A 42 -13.78 -9.17 8.01
N LEU A 43 -14.21 -8.56 9.12
CA LEU A 43 -14.02 -9.17 10.43
C LEU A 43 -14.92 -10.39 10.60
N VAL A 44 -14.35 -11.49 11.08
CA VAL A 44 -15.09 -12.74 11.19
C VAL A 44 -15.75 -12.84 12.56
N THR B 19 12.96 4.92 -15.63
CA THR B 19 12.25 5.61 -14.54
C THR B 19 12.81 5.23 -13.16
N THR B 20 13.13 6.26 -12.38
CA THR B 20 13.91 6.09 -11.15
C THR B 20 13.17 5.23 -10.12
N ASP B 21 13.93 4.40 -9.41
CA ASP B 21 13.40 3.73 -8.23
C ASP B 21 12.88 4.75 -7.22
N GLY B 22 11.87 4.36 -6.46
CA GLY B 22 11.37 5.19 -5.40
C GLY B 22 9.87 5.01 -5.21
N VAL B 23 9.30 5.92 -4.42
CA VAL B 23 7.87 5.95 -4.15
C VAL B 23 7.26 7.07 -4.98
N TYR B 24 6.06 6.82 -5.51
CA TYR B 24 5.41 7.68 -6.51
C TYR B 24 3.96 7.93 -6.14
N ARG B 25 3.48 9.16 -6.40
CA ARG B 25 2.05 9.43 -6.35
C ARG B 25 1.41 8.97 -7.66
N VAL B 26 0.21 8.40 -7.57
CA VAL B 26 -0.61 8.11 -8.74
C VAL B 26 -1.72 9.15 -8.83
N MET B 27 -1.69 9.96 -9.88
CA MET B 27 -2.55 11.11 -10.08
C MET B 27 -3.51 10.87 -11.23
N THR B 28 -4.67 11.55 -11.19
CA THR B 28 -5.58 11.61 -12.33
C THR B 28 -6.05 13.04 -12.52
N ARG B 29 -6.28 13.38 -13.79
CA ARG B 29 -6.88 14.65 -14.17
C ARG B 29 -8.37 14.52 -14.51
N ARG B 30 -8.95 13.32 -14.37
CA ARG B 30 -10.32 13.10 -14.81
C ARG B 30 -11.34 13.69 -13.85
N LEU B 31 -10.99 13.84 -12.58
CA LEU B 31 -11.90 14.42 -11.60
C LEU B 31 -11.62 15.92 -11.52
N LEU B 32 -12.07 16.56 -10.44
CA LEU B 32 -11.84 18.00 -10.28
C LEU B 32 -10.37 18.26 -9.96
N GLY B 33 -9.75 19.15 -10.72
CA GLY B 33 -8.35 19.49 -10.50
C GLY B 33 -7.42 18.32 -10.72
N SER B 34 -6.29 18.35 -10.02
CA SER B 34 -5.37 17.21 -9.98
C SER B 34 -5.69 16.43 -8.71
N THR B 35 -5.98 15.14 -8.84
CA THR B 35 -6.40 14.32 -7.72
C THR B 35 -5.44 13.13 -7.56
N GLN B 36 -4.98 12.91 -6.33
CA GLN B 36 -4.16 11.74 -6.04
C GLN B 36 -5.08 10.58 -5.67
N VAL B 37 -5.10 9.55 -6.52
CA VAL B 37 -5.89 8.35 -6.24
C VAL B 37 -5.09 7.27 -5.52
N GLY B 38 -3.76 7.36 -5.50
CA GLY B 38 -2.99 6.33 -4.85
C GLY B 38 -1.51 6.61 -4.89
N VAL B 39 -0.74 5.56 -4.56
CA VAL B 39 0.70 5.60 -4.36
C VAL B 39 1.28 4.29 -4.89
N GLY B 40 2.54 4.32 -5.31
CA GLY B 40 3.15 3.08 -5.76
C GLY B 40 4.66 3.09 -5.62
N VAL B 41 5.26 1.94 -5.96
CA VAL B 41 6.69 1.70 -5.79
C VAL B 41 7.30 1.32 -7.13
N MET B 42 8.35 2.04 -7.53
CA MET B 42 9.13 1.67 -8.71
C MET B 42 10.37 0.95 -8.19
N GLN B 43 10.54 -0.30 -8.60
CA GLN B 43 11.74 -1.04 -8.20
C GLN B 43 12.08 -2.05 -9.30
N GLU B 44 13.37 -2.09 -9.67
CA GLU B 44 13.84 -3.01 -10.70
C GLU B 44 13.06 -2.88 -12.00
N GLY B 45 12.67 -1.64 -12.33
CA GLY B 45 12.00 -1.36 -13.58
C GLY B 45 10.52 -1.67 -13.60
N VAL B 46 9.94 -2.09 -12.49
CA VAL B 46 8.54 -2.47 -12.39
C VAL B 46 7.84 -1.52 -11.42
N PHE B 47 6.64 -1.07 -11.79
CA PHE B 47 5.84 -0.22 -10.91
C PHE B 47 4.78 -1.06 -10.21
N HIS B 48 4.70 -0.92 -8.89
CA HIS B 48 3.85 -1.75 -8.03
C HIS B 48 2.84 -0.87 -7.33
N THR B 49 1.56 -1.18 -7.47
CA THR B 49 0.53 -0.46 -6.72
C THR B 49 -0.62 -1.43 -6.43
N MET B 50 -1.69 -0.91 -5.83
CA MET B 50 -2.83 -1.74 -5.52
C MET B 50 -3.84 -1.69 -6.64
N TRP B 51 -4.57 -2.80 -6.82
CA TRP B 51 -5.47 -2.88 -7.97
C TRP B 51 -6.56 -1.83 -7.90
N HIS B 52 -7.09 -1.56 -6.70
CA HIS B 52 -8.20 -0.62 -6.61
C HIS B 52 -7.77 0.82 -6.90
N VAL B 53 -6.47 1.08 -6.96
CA VAL B 53 -5.98 2.41 -7.30
C VAL B 53 -6.16 2.69 -8.79
N THR B 54 -5.71 1.76 -9.63
CA THR B 54 -5.68 1.96 -11.07
C THR B 54 -6.70 1.15 -11.85
N LYS B 55 -7.28 0.11 -11.23
CA LYS B 55 -8.18 -0.83 -11.91
C LYS B 55 -7.50 -1.50 -13.10
N GLY B 56 -6.17 -1.54 -13.10
CA GLY B 56 -5.43 -2.13 -14.20
C GLY B 56 -5.21 -1.20 -15.39
N ALA B 57 -5.65 0.05 -15.32
CA ALA B 57 -5.46 0.98 -16.42
C ALA B 57 -3.98 1.30 -16.64
N ALA B 58 -3.66 1.71 -17.86
CA ALA B 58 -2.29 2.13 -18.17
C ALA B 58 -1.98 3.46 -17.46
N LEU B 59 -0.69 3.76 -17.36
CA LEU B 59 -0.19 4.94 -16.66
C LEU B 59 0.82 5.69 -17.53
N ARG B 60 0.87 7.00 -17.34
CA ARG B 60 1.87 7.84 -17.99
C ARG B 60 2.96 8.18 -16.98
N SER B 61 4.22 8.16 -17.44
CA SER B 61 5.36 8.59 -16.66
C SER B 61 6.15 9.58 -17.51
N GLY B 62 5.91 10.86 -17.28
CA GLY B 62 6.48 11.86 -18.17
C GLY B 62 5.93 11.65 -19.56
N GLU B 63 6.83 11.44 -20.53
CA GLU B 63 6.43 11.22 -21.91
C GLU B 63 6.14 9.76 -22.22
N GLY B 64 6.44 8.84 -21.30
CA GLY B 64 6.33 7.42 -21.54
C GLY B 64 5.08 6.80 -20.94
N ARG B 65 4.73 5.63 -21.47
CA ARG B 65 3.53 4.90 -21.07
C ARG B 65 3.93 3.64 -20.32
N LEU B 66 3.26 3.38 -19.19
CA LEU B 66 3.45 2.16 -18.42
C LEU B 66 2.23 1.27 -18.62
N ASP B 67 2.43 0.10 -19.20
CA ASP B 67 1.38 -0.89 -19.45
C ASP B 67 1.28 -1.89 -18.32
N PRO B 68 0.07 -2.28 -17.92
CA PRO B 68 -0.08 -3.32 -16.90
C PRO B 68 0.54 -4.62 -17.38
N TYR B 69 1.15 -5.34 -16.45
CA TYR B 69 1.78 -6.61 -16.75
C TYR B 69 1.12 -7.77 -16.03
N TRP B 70 0.77 -7.59 -14.76
CA TRP B 70 0.19 -8.63 -13.92
C TRP B 70 -0.73 -7.97 -12.92
N GLY B 71 -1.85 -8.62 -12.62
CA GLY B 71 -2.72 -8.10 -11.57
C GLY B 71 -3.65 -9.17 -11.06
N ASP B 72 -4.19 -8.91 -9.87
CA ASP B 72 -5.10 -9.86 -9.22
C ASP B 72 -6.03 -9.11 -8.29
N VAL B 73 -7.33 -9.19 -8.57
CA VAL B 73 -8.31 -8.43 -7.78
C VAL B 73 -8.34 -8.94 -6.34
N LYS B 74 -8.22 -10.25 -6.14
CA LYS B 74 -8.33 -10.77 -4.79
C LYS B 74 -7.16 -10.32 -3.93
N GLN B 75 -5.95 -10.35 -4.48
CA GLN B 75 -4.81 -9.80 -3.76
C GLN B 75 -4.84 -8.27 -3.72
N ASP B 76 -5.62 -7.65 -4.60
CA ASP B 76 -5.67 -6.19 -4.75
C ASP B 76 -4.30 -5.63 -5.09
N LEU B 77 -3.63 -6.26 -6.06
CA LEU B 77 -2.31 -5.80 -6.49
C LEU B 77 -2.23 -5.78 -8.00
N VAL B 78 -1.31 -4.96 -8.51
CA VAL B 78 -1.03 -4.87 -9.94
C VAL B 78 0.40 -4.40 -10.12
N SER B 79 1.06 -4.89 -11.17
CA SER B 79 2.40 -4.46 -11.53
C SER B 79 2.41 -3.99 -12.97
N TYR B 80 3.36 -3.12 -13.29
CA TYR B 80 3.50 -2.51 -14.62
C TYR B 80 4.91 -2.72 -15.14
N CYS B 81 5.02 -2.99 -16.44
CA CYS B 81 6.29 -3.14 -17.15
C CYS B 81 6.99 -4.47 -16.86
N GLY B 82 6.51 -5.21 -15.87
CA GLY B 82 7.12 -6.49 -15.57
C GLY B 82 6.42 -7.20 -14.42
N PRO B 83 6.93 -8.37 -14.06
CA PRO B 83 6.32 -9.13 -12.96
C PRO B 83 6.63 -8.50 -11.61
N TRP B 84 5.74 -8.78 -10.66
CA TRP B 84 5.91 -8.31 -9.28
C TRP B 84 7.29 -8.65 -8.74
N LYS B 85 8.01 -7.64 -8.25
CA LYS B 85 9.40 -7.78 -7.81
C LYS B 85 9.60 -7.76 -6.30
N LEU B 86 8.62 -7.31 -5.52
CA LEU B 86 8.82 -7.09 -4.09
C LEU B 86 8.55 -8.41 -3.34
N ASP B 87 9.54 -8.89 -2.59
CA ASP B 87 9.38 -10.20 -1.96
C ASP B 87 9.79 -10.24 -0.50
N ALA B 88 10.30 -9.14 0.07
CA ALA B 88 10.54 -9.11 1.51
C ALA B 88 9.23 -9.28 2.28
N ALA B 89 9.33 -9.84 3.48
CA ALA B 89 8.18 -10.09 4.33
C ALA B 89 8.45 -9.63 5.74
N TRP B 90 7.40 -9.18 6.42
CA TRP B 90 7.49 -8.90 7.86
C TRP B 90 8.02 -10.12 8.59
N ASP B 91 8.91 -9.91 9.55
CA ASP B 91 9.47 -11.03 10.32
C ASP B 91 8.58 -11.47 11.48
N GLY B 92 7.41 -10.85 11.68
CA GLY B 92 6.53 -11.24 12.76
C GLY B 92 6.91 -10.72 14.13
N LEU B 93 8.02 -9.99 14.25
CA LEU B 93 8.56 -9.59 15.53
C LEU B 93 8.90 -8.11 15.61
N SER B 94 9.43 -7.53 14.54
CA SER B 94 10.07 -6.22 14.59
C SER B 94 9.10 -5.11 14.18
N GLU B 95 9.44 -3.89 14.59
CA GLU B 95 8.71 -2.73 14.12
C GLU B 95 9.03 -2.48 12.65
N VAL B 96 8.07 -1.89 11.95
CA VAL B 96 8.21 -1.56 10.54
C VAL B 96 7.96 -0.07 10.40
N GLN B 97 8.11 0.46 9.18
CA GLN B 97 7.74 1.84 8.93
C GLN B 97 6.80 1.90 7.73
N LEU B 98 5.70 2.61 7.89
CA LEU B 98 4.85 2.99 6.78
C LEU B 98 5.39 4.28 6.17
N LEU B 99 5.74 4.23 4.90
CA LEU B 99 6.17 5.44 4.18
C LEU B 99 4.91 6.04 3.57
N ALA B 100 4.17 6.78 4.39
CA ALA B 100 2.88 7.33 3.99
C ALA B 100 3.08 8.52 3.07
N VAL B 101 2.39 8.49 1.93
CA VAL B 101 2.43 9.60 0.97
C VAL B 101 1.01 10.14 0.83
N PRO B 102 0.56 11.02 1.72
CA PRO B 102 -0.84 11.46 1.67
C PRO B 102 -1.03 12.49 0.57
N PRO B 103 -2.24 12.62 0.03
CA PRO B 103 -2.45 13.59 -1.05
C PRO B 103 -2.08 15.00 -0.60
N GLY B 104 -1.29 15.68 -1.43
CA GLY B 104 -0.91 17.06 -1.18
C GLY B 104 0.07 17.27 -0.05
N GLU B 105 0.62 16.21 0.54
CA GLU B 105 1.46 16.31 1.73
C GLU B 105 2.74 15.53 1.50
N ARG B 106 3.83 16.00 2.13
CA ARG B 106 5.13 15.39 1.92
C ARG B 106 5.14 13.95 2.43
N ALA B 107 5.89 13.10 1.75
CA ALA B 107 6.10 11.73 2.21
C ALA B 107 6.61 11.75 3.66
N LYS B 108 6.07 10.86 4.49
CA LYS B 108 6.47 10.80 5.89
C LYS B 108 6.53 9.35 6.37
N ASN B 109 7.57 9.05 7.16
CA ASN B 109 7.76 7.70 7.72
C ASN B 109 7.11 7.62 9.09
N ILE B 110 6.31 6.59 9.30
CA ILE B 110 5.68 6.33 10.59
C ILE B 110 6.09 4.93 11.02
N GLN B 111 6.70 4.82 12.20
CA GLN B 111 7.14 3.54 12.72
C GLN B 111 6.06 2.93 13.61
N THR B 112 5.88 1.61 13.50
CA THR B 112 4.82 0.95 14.25
C THR B 112 5.13 -0.53 14.37
N LEU B 113 4.56 -1.17 15.39
CA LEU B 113 4.58 -2.63 15.48
C LEU B 113 3.32 -3.20 14.86
N PRO B 114 3.41 -4.01 13.81
CA PRO B 114 2.20 -4.50 13.15
C PRO B 114 1.36 -5.38 14.05
N GLY B 115 0.04 -5.28 13.89
CA GLY B 115 -0.87 -6.31 14.35
C GLY B 115 -0.89 -7.46 13.36
N ILE B 116 -1.90 -8.32 13.51
CA ILE B 116 -2.01 -9.54 12.69
C ILE B 116 -3.45 -9.71 12.21
N PHE B 117 -3.61 -9.91 10.89
CA PHE B 117 -4.83 -10.49 10.34
C PHE B 117 -4.69 -12.01 10.37
N LYS B 118 -5.56 -12.69 11.11
CA LYS B 118 -5.60 -14.15 11.13
C LYS B 118 -6.69 -14.61 10.17
N THR B 119 -6.32 -15.39 9.17
CA THR B 119 -7.28 -15.91 8.19
C THR B 119 -7.16 -17.43 8.12
N LYS B 120 -8.16 -18.04 7.48
CA LYS B 120 -8.15 -19.49 7.33
C LYS B 120 -6.96 -19.96 6.50
N ASP B 121 -6.35 -19.07 5.72
CA ASP B 121 -5.23 -19.40 4.87
C ASP B 121 -3.91 -18.85 5.40
N GLY B 122 -3.85 -18.52 6.69
CA GLY B 122 -2.64 -18.06 7.31
C GLY B 122 -2.77 -16.67 7.87
N ASP B 123 -1.69 -16.23 8.50
CA ASP B 123 -1.65 -14.93 9.15
C ASP B 123 -0.75 -13.99 8.35
N ILE B 124 -1.15 -12.72 8.26
CA ILE B 124 -0.33 -11.69 7.66
C ILE B 124 -0.31 -10.48 8.58
N GLY B 125 0.76 -9.68 8.47
CA GLY B 125 0.86 -8.48 9.27
C GLY B 125 -0.19 -7.45 8.90
N ALA B 126 -0.47 -6.56 9.85
CA ALA B 126 -1.40 -5.46 9.62
C ALA B 126 -0.92 -4.23 10.36
N VAL B 127 -1.18 -3.04 9.80
CA VAL B 127 -0.79 -1.78 10.43
C VAL B 127 -2.04 -0.96 10.74
N ALA B 128 -2.18 -0.55 12.00
CA ALA B 128 -3.35 0.19 12.46
C ALA B 128 -3.07 1.69 12.39
N LEU B 129 -3.08 2.21 11.17
CA LEU B 129 -2.87 3.62 10.90
C LEU B 129 -3.86 4.06 9.83
N ASP B 130 -4.42 5.27 10.01
CA ASP B 130 -5.51 5.76 9.16
C ASP B 130 -5.04 6.98 8.37
N TYR B 131 -5.26 6.96 7.05
CA TYR B 131 -4.84 8.03 6.16
C TYR B 131 -5.91 8.21 5.09
N PRO B 132 -5.90 9.34 4.39
CA PRO B 132 -6.89 9.54 3.31
C PRO B 132 -6.82 8.44 2.26
N ALA B 133 -7.92 8.28 1.53
CA ALA B 133 -8.06 7.16 0.60
C ALA B 133 -6.93 7.13 -0.44
N GLY B 134 -6.54 8.30 -0.92
CA GLY B 134 -5.49 8.40 -1.93
C GLY B 134 -4.09 8.08 -1.44
N THR B 135 -3.94 7.71 -0.16
CA THR B 135 -2.69 7.18 0.37
C THR B 135 -2.53 5.69 0.02
N SER B 136 -3.58 5.07 -0.52
CA SER B 136 -3.55 3.69 -0.98
C SER B 136 -2.31 3.37 -1.80
N GLY B 137 -1.59 2.31 -1.41
CA GLY B 137 -0.41 1.87 -2.11
C GLY B 137 0.89 2.33 -1.52
N SER B 138 0.85 3.12 -0.46
CA SER B 138 2.08 3.54 0.20
C SER B 138 2.85 2.31 0.70
N PRO B 139 4.17 2.26 0.50
CA PRO B 139 4.93 1.08 0.91
C PRO B 139 5.15 1.00 2.41
N ILE B 140 5.19 -0.24 2.89
CA ILE B 140 5.60 -0.56 4.25
C ILE B 140 6.99 -1.19 4.18
N LEU B 141 7.87 -0.78 5.10
CA LEU B 141 9.31 -1.03 5.02
C LEU B 141 9.80 -1.75 6.27
N ASP B 142 10.78 -2.64 6.10
CA ASP B 142 11.51 -3.18 7.24
C ASP B 142 12.73 -2.31 7.55
N LYS B 143 13.49 -2.69 8.58
CA LYS B 143 14.60 -1.85 9.03
C LYS B 143 15.73 -1.80 8.00
N CYS B 144 15.75 -2.69 7.02
CA CYS B 144 16.71 -2.63 5.93
C CYS B 144 16.21 -1.81 4.75
N GLY B 145 15.04 -1.21 4.85
CA GLY B 145 14.48 -0.46 3.75
C GLY B 145 13.81 -1.29 2.66
N ARG B 146 13.70 -2.61 2.83
CA ARG B 146 13.00 -3.44 1.86
C ARG B 146 11.48 -3.27 2.00
N VAL B 147 10.79 -3.23 0.88
CA VAL B 147 9.33 -3.11 0.90
C VAL B 147 8.72 -4.47 1.24
N ILE B 148 8.05 -4.56 2.38
CA ILE B 148 7.43 -5.80 2.80
C ILE B 148 5.96 -5.87 2.45
N GLY B 149 5.41 -4.83 1.84
CA GLY B 149 4.04 -4.85 1.35
C GLY B 149 3.51 -3.44 1.19
N LEU B 150 2.28 -3.37 0.68
CA LEU B 150 1.63 -2.09 0.41
C LEU B 150 0.42 -1.86 1.32
N TYR B 151 0.20 -0.58 1.62
CA TYR B 151 -0.85 -0.14 2.54
C TYR B 151 -2.13 0.21 1.80
N GLY B 152 -3.27 -0.20 2.36
CA GLY B 152 -4.53 0.34 1.87
C GLY B 152 -5.67 -0.63 1.57
N ASN B 153 -5.50 -1.92 1.84
CA ASN B 153 -6.62 -2.86 1.80
C ASN B 153 -6.84 -3.37 3.22
N GLY B 154 -7.94 -2.95 3.85
CA GLY B 154 -8.11 -3.31 5.24
C GLY B 154 -9.53 -3.39 5.75
N VAL B 155 -9.69 -3.16 7.06
CA VAL B 155 -10.98 -3.29 7.73
C VAL B 155 -11.14 -2.13 8.69
N VAL B 156 -12.38 -1.95 9.15
CA VAL B 156 -12.68 -1.04 10.24
C VAL B 156 -13.15 -1.89 11.42
N ILE B 157 -12.50 -1.73 12.57
CA ILE B 157 -12.77 -2.58 13.72
C ILE B 157 -13.79 -1.93 14.64
N LYS B 158 -14.11 -2.60 15.75
CA LYS B 158 -15.30 -2.27 16.54
C LYS B 158 -15.29 -0.83 17.02
N ASN B 159 -14.13 -0.30 17.39
CA ASN B 159 -14.12 1.09 17.86
C ASN B 159 -14.10 2.10 16.72
N GLY B 160 -14.15 1.66 15.46
CA GLY B 160 -14.16 2.56 14.33
C GLY B 160 -12.82 2.87 13.72
N SER B 161 -11.73 2.25 14.18
CA SER B 161 -10.42 2.57 13.64
C SER B 161 -10.07 1.66 12.46
N TYR B 162 -9.28 2.22 11.54
CA TYR B 162 -8.88 1.52 10.32
C TYR B 162 -7.62 0.70 10.56
N VAL B 163 -7.62 -0.55 10.11
CA VAL B 163 -6.44 -1.40 10.11
C VAL B 163 -6.23 -1.92 8.70
N SER B 164 -5.02 -1.73 8.17
CA SER B 164 -4.66 -2.19 6.83
C SER B 164 -3.84 -3.47 6.90
N ALA B 165 -4.17 -4.43 6.05
CA ALA B 165 -3.24 -5.52 5.78
C ALA B 165 -1.92 -4.96 5.28
N ILE B 166 -0.83 -5.65 5.63
CA ILE B 166 0.43 -5.51 4.89
C ILE B 166 0.32 -6.44 3.69
N THR B 167 -0.08 -5.90 2.53
CA THR B 167 -0.36 -6.72 1.35
C THR B 167 0.91 -6.88 0.53
N GLN B 168 1.39 -8.11 0.38
CA GLN B 168 2.59 -8.39 -0.39
C GLN B 168 2.31 -9.41 -1.48
N GLY B 169 2.97 -9.24 -2.63
CA GLY B 169 2.80 -10.15 -3.74
C GLY B 169 3.73 -11.35 -3.66
N LYS B 170 3.75 -12.11 -4.76
CA LYS B 170 4.66 -13.23 -4.95
C LYS B 170 5.62 -12.91 -6.10
N ARG B 171 6.91 -13.14 -5.88
CA ARG B 171 7.93 -12.83 -6.89
C ARG B 171 8.12 -13.99 -7.86
N1 V7T C 1 -11.41 5.03 8.89
N2 V7T C 1 -12.49 4.10 6.90
CA V7T C 1 -10.22 4.81 5.42
CD V7T C 1 -7.06 3.79 3.44
CE V7T C 1 -6.89 3.38 1.98
NZ V7T C 1 -7.73 2.24 1.64
CG V7T C 1 -8.46 4.30 3.67
CB V7T C 1 -8.73 4.71 5.09
C2 V7T C 1 -11.48 4.69 7.52
N V7T C 1 -10.37 5.04 6.85
C V7T C 1 -10.90 5.92 4.64
O V7T C 1 -11.02 5.87 3.41
N GLY C 2 -11.37 6.95 5.36
CA GLY C 2 -11.97 8.11 4.74
C GLY C 2 -13.15 7.77 3.84
N GLY C 3 -13.20 8.43 2.69
CA GLY C 3 -14.23 8.14 1.71
C GLY C 3 -13.96 6.90 0.87
N GLY C 4 -12.82 6.25 1.11
CA GLY C 4 -12.51 5.01 0.45
C GLY C 4 -13.13 3.79 1.10
N DPN C 5 -13.71 3.98 2.30
CA DPN C 5 -14.24 2.85 3.04
C DPN C 5 -13.11 1.99 3.60
O DPN C 5 -12.35 2.43 4.46
CB DPN C 5 -15.21 3.29 4.15
CG DPN C 5 -15.98 2.12 4.71
CD1 DPN C 5 -16.99 1.51 3.97
CD2 DPN C 5 -15.65 1.59 5.95
CE1 DPN C 5 -17.63 0.38 4.47
CE2 DPN C 5 -16.29 0.46 6.44
CZ DPN C 5 -17.28 -0.15 5.69
N LYS C 6 -13.02 0.76 3.08
CA LYS C 6 -11.97 -0.18 3.49
C LYS C 6 -10.68 0.05 2.70
N LYS C 7 -10.73 0.95 1.72
CA LYS C 7 -9.67 1.08 0.74
C LYS C 7 -8.88 2.38 0.97
S SO4 D . -10.73 11.04 1.57
O1 SO4 D . -10.09 10.02 2.38
O2 SO4 D . -10.61 12.35 2.20
O3 SO4 D . -12.13 10.69 1.39
O4 SO4 D . -10.08 11.08 0.25
#